data_3WJR
#
_entry.id   3WJR
#
_cell.length_a   102.657
_cell.length_b   102.657
_cell.length_c   105.728
_cell.angle_alpha   90.00
_cell.angle_beta   90.00
_cell.angle_gamma   90.00
#
_symmetry.space_group_name_H-M   'P 43 21 2'
#
loop_
_entity.id
_entity.type
_entity.pdbx_description
1 polymer 'Hydrogenase expression/formation protein HypE'
2 non-polymer BENZAMIDINE
3 non-polymer 'ADENOSINE MONOPHOSPHATE'
4 non-polymer 'SULFATE ION'
5 non-polymer 'TRIETHYLENE GLYCOL'
6 non-polymer GLYCEROL
7 non-polymer DI(HYDROXYETHYL)ETHER
8 non-polymer 'MAGNESIUM ION'
9 water water
#
_entity_poly.entity_id   1
_entity_poly.type   'polypeptide(L)'
_entity_poly.pdbx_seq_one_letter_code
;MGEKIKLEHGAGGEIMEELLRDVILKTLTLKSAGGIGLDALDDGATIPFGDKHIVFTIDGHTVKPLFFPGGDIGRLAVSG
TVNDLAVMGAEPIALANSMIIGEGLDMEVLKRVLKSMDETAREVPVPIVTGDTKVVEDKIEMFVITAGIGIAEHPVSDAG
AKVGDAVLVSGTIGDHGIALMSHREGIAFETELKSDVAPIWDVVKAVAETIGWENIHAMKDPTRAGLSNALNEIARKSNV
GILVREADIPIRPEVRAASEMLGISPYDVANEGKVVMVVAREYAEEALEAMRKTEKGRNAAIIGEVIADYRGKVLLETGI
GGKRFMEPPEGDPVPRIC
;
_entity_poly.pdbx_strand_id   A
#
loop_
_chem_comp.id
_chem_comp.type
_chem_comp.name
_chem_comp.formula
AMP non-polymer 'ADENOSINE MONOPHOSPHATE' 'C10 H14 N5 O7 P'
BEN non-polymer BENZAMIDINE 'C7 H8 N2'
GOL non-polymer GLYCEROL 'C3 H8 O3'
MG non-polymer 'MAGNESIUM ION' 'Mg 2'
PEG non-polymer DI(HYDROXYETHYL)ETHER 'C4 H10 O3'
PGE non-polymer 'TRIETHYLENE GLYCOL' 'C6 H14 O4'
SO4 non-polymer 'SULFATE ION' 'O4 S -2'
#
# COMPACT_ATOMS: atom_id res chain seq x y z
N GLU A 3 17.72 -17.53 -18.13
CA GLU A 3 17.27 -16.35 -17.39
C GLU A 3 17.03 -16.71 -15.93
N LYS A 4 17.47 -15.82 -15.04
CA LYS A 4 17.39 -16.05 -13.61
C LYS A 4 16.47 -15.03 -12.95
N ILE A 5 15.85 -15.43 -11.84
CA ILE A 5 15.07 -14.51 -11.03
C ILE A 5 15.99 -13.54 -10.30
N LYS A 6 15.69 -12.25 -10.41
CA LYS A 6 16.48 -11.21 -9.75
C LYS A 6 15.68 -10.58 -8.62
N LEU A 7 16.38 -9.89 -7.72
CA LEU A 7 15.70 -9.17 -6.63
C LEU A 7 14.64 -8.21 -7.16
N GLU A 8 14.91 -7.62 -8.33
CA GLU A 8 13.99 -6.64 -8.91
C GLU A 8 12.63 -7.24 -9.27
N HIS A 9 12.59 -8.56 -9.47
CA HIS A 9 11.36 -9.24 -9.83
C HIS A 9 10.36 -9.26 -8.68
N GLY A 10 10.83 -8.95 -7.47
CA GLY A 10 9.96 -8.89 -6.32
C GLY A 10 9.88 -7.50 -5.73
N ALA A 11 10.30 -6.50 -6.49
CA ALA A 11 10.46 -5.15 -5.94
C ALA A 11 9.29 -4.21 -6.24
N GLY A 12 8.21 -4.78 -6.77
CA GLY A 12 6.95 -4.07 -6.87
C GLY A 12 6.87 -2.97 -7.92
N GLY A 13 7.88 -2.89 -8.78
CA GLY A 13 7.90 -1.90 -9.84
C GLY A 13 7.75 -2.50 -11.22
N GLU A 14 8.31 -1.84 -12.23
CA GLU A 14 8.12 -2.23 -13.63
C GLU A 14 8.67 -3.61 -14.00
N ILE A 15 9.76 -4.00 -13.36
CA ILE A 15 10.38 -5.29 -13.64
C ILE A 15 9.50 -6.43 -13.10
N MET A 16 8.89 -6.21 -11.94
CA MET A 16 7.94 -7.18 -11.42
C MET A 16 6.71 -7.25 -12.31
N GLU A 17 6.25 -6.09 -12.77
CA GLU A 17 5.09 -6.02 -13.66
C GLU A 17 5.33 -6.87 -14.92
N GLU A 18 6.55 -6.84 -15.43
CA GLU A 18 6.90 -7.64 -16.59
C GLU A 18 6.79 -9.14 -16.31
N LEU A 19 7.29 -9.56 -15.15
CA LEU A 19 7.17 -10.95 -14.72
C LEU A 19 5.71 -11.37 -14.58
N LEU A 20 4.90 -10.51 -13.95
CA LEU A 20 3.49 -10.80 -13.76
C LEU A 20 2.77 -11.02 -15.09
N ARG A 21 2.98 -10.10 -16.03
CA ARG A 21 2.23 -10.16 -17.28
C ARG A 21 2.75 -11.22 -18.25
N ASP A 22 4.06 -11.39 -18.29
CA ASP A 22 4.66 -12.31 -19.24
C ASP A 22 4.73 -13.76 -18.75
N VAL A 23 4.74 -13.95 -17.44
CA VAL A 23 4.90 -15.30 -16.90
C VAL A 23 3.70 -15.80 -16.07
N ILE A 24 3.34 -15.07 -15.02
CA ILE A 24 2.26 -15.54 -14.14
C ILE A 24 0.89 -15.55 -14.84
N LEU A 25 0.51 -14.41 -15.42
CA LEU A 25 -0.77 -14.29 -16.08
C LEU A 25 -0.88 -15.18 -17.32
N LYS A 26 0.26 -15.39 -17.97
CA LYS A 26 0.23 -16.21 -19.19
C LYS A 26 0.20 -17.71 -18.89
N THR A 27 0.65 -18.10 -17.70
CA THR A 27 0.70 -19.52 -17.35
C THR A 27 -0.57 -20.00 -16.65
N LEU A 28 -1.10 -19.19 -15.73
CA LEU A 28 -2.33 -19.54 -15.03
C LEU A 28 -3.52 -19.29 -15.94
N THR A 29 -4.47 -20.21 -15.97
CA THR A 29 -5.62 -20.07 -16.86
C THR A 29 -6.89 -19.73 -16.10
N LEU A 30 -7.09 -20.33 -14.92
CA LEU A 30 -8.28 -20.01 -14.11
C LEU A 30 -7.92 -18.92 -13.11
N LYS A 31 -8.45 -17.71 -13.33
CA LYS A 31 -7.95 -16.51 -12.65
C LYS A 31 -9.03 -15.65 -12.01
N SER A 32 -10.29 -16.02 -12.18
CA SER A 32 -11.38 -15.23 -11.62
C SER A 32 -12.43 -16.14 -11.01
N ALA A 33 -13.04 -15.69 -9.91
CA ALA A 33 -14.16 -16.42 -9.32
C ALA A 33 -15.48 -15.67 -9.56
N GLY A 34 -15.51 -14.77 -10.54
CA GLY A 34 -16.75 -14.10 -10.89
C GLY A 34 -16.71 -12.58 -10.75
N GLY A 35 -15.64 -12.07 -10.15
CA GLY A 35 -15.49 -10.63 -9.99
C GLY A 35 -14.09 -10.21 -10.39
N ILE A 36 -13.51 -9.26 -9.65
CA ILE A 36 -12.17 -8.82 -9.98
C ILE A 36 -11.21 -9.99 -9.76
N GLY A 37 -10.44 -10.32 -10.78
CA GLY A 37 -9.58 -11.49 -10.73
C GLY A 37 -8.11 -11.15 -10.94
N LEU A 38 -7.31 -12.17 -11.21
CA LEU A 38 -5.87 -12.02 -11.28
C LEU A 38 -5.43 -11.09 -12.40
N ASP A 39 -6.12 -11.12 -13.53
CA ASP A 39 -5.75 -10.30 -14.67
C ASP A 39 -5.84 -8.81 -14.39
N ALA A 40 -6.64 -8.42 -13.39
CA ALA A 40 -6.77 -7.01 -13.06
C ALA A 40 -5.55 -6.52 -12.30
N LEU A 41 -4.81 -7.46 -11.71
CA LEU A 41 -3.65 -7.15 -10.89
C LEU A 41 -3.93 -6.05 -9.86
N ASP A 42 -5.10 -6.12 -9.22
CA ASP A 42 -5.51 -5.11 -8.26
C ASP A 42 -5.01 -5.51 -6.87
N ASP A 43 -5.34 -4.71 -5.87
CA ASP A 43 -4.89 -4.97 -4.50
C ASP A 43 -5.45 -6.27 -3.93
N GLY A 44 -6.61 -6.70 -4.43
CA GLY A 44 -7.18 -7.99 -4.07
C GLY A 44 -8.14 -8.46 -5.13
N ALA A 45 -8.82 -9.59 -4.88
CA ALA A 45 -9.82 -10.12 -5.81
C ALA A 45 -11.20 -9.99 -5.18
N THR A 46 -12.26 -10.07 -5.99
CA THR A 46 -13.62 -10.01 -5.44
C THR A 46 -14.49 -11.16 -5.95
N ILE A 47 -15.45 -11.59 -5.13
CA ILE A 47 -16.34 -12.69 -5.48
C ILE A 47 -17.74 -12.29 -5.07
N PRO A 48 -18.66 -12.29 -6.03
CA PRO A 48 -20.05 -11.95 -5.73
C PRO A 48 -20.59 -12.93 -4.70
N PHE A 49 -21.30 -12.42 -3.70
CA PHE A 49 -21.91 -13.31 -2.71
C PHE A 49 -23.15 -12.65 -2.15
N GLY A 50 -24.31 -13.17 -2.54
CA GLY A 50 -25.55 -12.49 -2.23
C GLY A 50 -25.52 -11.11 -2.86
N ASP A 51 -25.95 -10.11 -2.10
CA ASP A 51 -25.93 -8.74 -2.59
C ASP A 51 -24.63 -8.02 -2.24
N LYS A 52 -23.65 -8.76 -1.72
CA LYS A 52 -22.34 -8.19 -1.41
C LYS A 52 -21.21 -8.90 -2.15
N HIS A 53 -19.98 -8.60 -1.76
CA HIS A 53 -18.81 -9.17 -2.43
C HIS A 53 -17.80 -9.58 -1.37
N ILE A 54 -17.30 -10.79 -1.51
CA ILE A 54 -16.18 -11.20 -0.68
C ILE A 54 -14.92 -10.67 -1.34
N VAL A 55 -14.00 -10.12 -0.53
CA VAL A 55 -12.74 -9.63 -1.06
C VAL A 55 -11.65 -10.47 -0.42
N PHE A 56 -10.63 -10.81 -1.21
CA PHE A 56 -9.63 -11.83 -0.86
C PHE A 56 -8.25 -11.29 -1.21
N THR A 57 -7.31 -11.33 -0.27
CA THR A 57 -5.98 -10.82 -0.56
C THR A 57 -4.92 -11.66 0.15
N ILE A 58 -3.66 -11.57 -0.32
CA ILE A 58 -2.57 -12.24 0.38
C ILE A 58 -1.29 -11.45 0.22
N ASP A 59 -0.44 -11.47 1.23
CA ASP A 59 0.83 -10.74 1.17
C ASP A 59 1.88 -11.47 1.97
N GLY A 60 3.07 -11.61 1.40
CA GLY A 60 4.19 -12.22 2.11
C GLY A 60 5.06 -11.11 2.68
N HIS A 61 5.67 -11.35 3.82
CA HIS A 61 6.52 -10.33 4.43
C HIS A 61 7.88 -10.91 4.77
N THR A 62 8.92 -10.26 4.26
CA THR A 62 10.29 -10.76 4.41
C THR A 62 11.19 -9.63 4.90
N VAL A 63 10.61 -8.67 5.61
CA VAL A 63 11.37 -7.50 6.05
C VAL A 63 12.53 -7.87 6.97
N LYS A 64 13.65 -7.14 6.84
CA LYS A 64 14.79 -7.29 7.72
C LYS A 64 15.28 -5.89 8.08
N PRO A 65 15.53 -5.63 9.37
CA PRO A 65 15.40 -6.57 10.50
C PRO A 65 13.94 -6.81 10.85
N LEU A 66 13.64 -7.86 11.62
CA LEU A 66 12.26 -8.15 12.01
C LEU A 66 11.63 -7.02 12.81
N PHE A 67 12.43 -6.35 13.64
CA PHE A 67 11.95 -5.23 14.44
C PHE A 67 12.66 -3.95 14.02
N PHE A 68 11.91 -2.89 13.82
CA PHE A 68 12.44 -1.63 13.27
C PHE A 68 11.72 -0.47 13.93
N PRO A 69 12.24 0.77 13.79
CA PRO A 69 11.56 1.87 14.47
C PRO A 69 10.12 2.06 13.97
N GLY A 70 9.16 2.07 14.89
CA GLY A 70 7.76 2.25 14.56
C GLY A 70 7.00 0.97 14.24
N GLY A 71 7.69 -0.17 14.25
CA GLY A 71 6.98 -1.42 14.01
C GLY A 71 7.81 -2.68 13.96
N ASP A 72 7.26 -3.70 13.31
CA ASP A 72 7.94 -4.98 13.20
C ASP A 72 7.19 -5.82 12.17
N ILE A 73 7.71 -7.00 11.87
CA ILE A 73 7.12 -7.86 10.84
C ILE A 73 5.69 -8.29 11.20
N GLY A 74 5.39 -8.39 12.48
CA GLY A 74 4.05 -8.76 12.92
C GLY A 74 3.03 -7.67 12.62
N ARG A 75 3.38 -6.44 12.99
CA ARG A 75 2.49 -5.29 12.73
C ARG A 75 2.36 -5.05 11.21
N LEU A 76 3.46 -5.30 10.49
CA LEU A 76 3.45 -5.15 9.04
C LEU A 76 2.50 -6.18 8.42
N ALA A 77 2.58 -7.43 8.90
CA ALA A 77 1.74 -8.51 8.34
C ALA A 77 0.24 -8.22 8.52
N VAL A 78 -0.15 -7.76 9.71
CA VAL A 78 -1.56 -7.45 9.92
C VAL A 78 -1.97 -6.20 9.14
N SER A 79 -1.15 -5.15 9.23
CA SER A 79 -1.48 -3.88 8.59
C SER A 79 -1.57 -4.01 7.07
N GLY A 80 -0.60 -4.67 6.44
CA GLY A 80 -0.56 -4.75 4.98
C GLY A 80 -1.80 -5.42 4.41
N THR A 81 -2.23 -6.48 5.08
CA THR A 81 -3.39 -7.24 4.60
C THR A 81 -4.71 -6.50 4.85
N VAL A 82 -4.85 -5.91 6.03
CA VAL A 82 -5.98 -5.06 6.31
C VAL A 82 -6.06 -3.91 5.30
N ASN A 83 -4.90 -3.33 4.98
CA ASN A 83 -4.89 -2.19 4.07
C ASN A 83 -5.23 -2.57 2.63
N ASP A 84 -4.76 -3.73 2.20
CA ASP A 84 -5.15 -4.24 0.88
C ASP A 84 -6.67 -4.46 0.78
N LEU A 85 -7.29 -4.98 1.83
CA LEU A 85 -8.75 -5.14 1.85
C LEU A 85 -9.43 -3.78 1.84
N ALA A 86 -8.91 -2.85 2.62
CA ALA A 86 -9.51 -1.52 2.73
C ALA A 86 -9.52 -0.78 1.39
N VAL A 87 -8.43 -0.88 0.64
CA VAL A 87 -8.38 -0.17 -0.63
C VAL A 87 -9.20 -0.86 -1.73
N MET A 88 -9.74 -2.04 -1.44
CA MET A 88 -10.74 -2.64 -2.33
C MET A 88 -12.16 -2.26 -1.87
N GLY A 89 -12.26 -1.48 -0.79
CA GLY A 89 -13.57 -1.11 -0.25
C GLY A 89 -14.16 -2.14 0.72
N ALA A 90 -13.31 -3.01 1.26
CA ALA A 90 -13.80 -4.11 2.09
C ALA A 90 -13.54 -3.95 3.57
N GLU A 91 -14.59 -4.17 4.37
CA GLU A 91 -14.47 -4.27 5.81
C GLU A 91 -13.75 -5.58 6.15
N PRO A 92 -12.65 -5.51 6.91
CA PRO A 92 -11.94 -6.78 7.18
C PRO A 92 -12.74 -7.69 8.10
N ILE A 93 -12.82 -8.97 7.77
CA ILE A 93 -13.52 -9.89 8.68
C ILE A 93 -12.67 -11.02 9.26
N ALA A 94 -11.60 -11.40 8.58
CA ALA A 94 -10.73 -12.45 9.11
C ALA A 94 -9.37 -12.44 8.43
N LEU A 95 -8.35 -12.78 9.21
CA LEU A 95 -6.99 -12.96 8.72
C LEU A 95 -6.54 -14.40 8.91
N ALA A 96 -5.63 -14.85 8.04
CA ALA A 96 -5.00 -16.17 8.18
C ALA A 96 -3.50 -15.94 8.25
N ASN A 97 -2.81 -16.66 9.13
CA ASN A 97 -1.41 -16.37 9.46
C ASN A 97 -0.50 -17.56 9.18
N SER A 98 0.25 -17.51 8.08
CA SER A 98 1.31 -18.49 7.82
C SER A 98 2.65 -17.95 8.28
N MET A 99 3.37 -18.74 9.09
CA MET A 99 4.71 -18.37 9.49
C MET A 99 5.70 -19.44 9.04
N ILE A 100 6.84 -18.98 8.51
CA ILE A 100 7.93 -19.88 8.17
C ILE A 100 9.12 -19.39 8.98
N ILE A 101 9.61 -20.25 9.86
CA ILE A 101 10.58 -19.86 10.88
C ILE A 101 11.89 -20.62 10.70
N GLY A 102 13.02 -19.91 10.85
CA GLY A 102 14.32 -20.55 10.75
C GLY A 102 14.63 -21.29 12.04
N GLU A 103 15.07 -22.55 11.91
CA GLU A 103 15.49 -23.36 13.04
C GLU A 103 16.45 -22.55 13.90
N GLY A 104 16.23 -22.54 15.21
CA GLY A 104 17.14 -21.86 16.11
C GLY A 104 16.74 -20.46 16.53
N LEU A 105 15.64 -19.96 15.97
CA LEU A 105 15.11 -18.67 16.37
C LEU A 105 14.73 -18.70 17.85
N ASP A 106 15.04 -17.63 18.57
CA ASP A 106 14.65 -17.52 19.98
C ASP A 106 13.13 -17.51 20.09
N MET A 107 12.62 -18.28 21.04
CA MET A 107 11.18 -18.36 21.26
C MET A 107 10.63 -16.99 21.62
N GLU A 108 11.44 -16.18 22.31
CA GLU A 108 11.01 -14.84 22.69
C GLU A 108 10.74 -13.93 21.49
N VAL A 109 11.49 -14.15 20.41
CA VAL A 109 11.28 -13.39 19.17
C VAL A 109 9.90 -13.73 18.62
N LEU A 110 9.58 -15.02 18.58
CA LEU A 110 8.26 -15.45 18.07
C LEU A 110 7.15 -14.88 18.94
N LYS A 111 7.34 -14.89 20.26
CA LYS A 111 6.34 -14.32 21.16
C LYS A 111 6.15 -12.83 20.91
N ARG A 112 7.24 -12.10 20.71
CA ARG A 112 7.15 -10.66 20.45
C ARG A 112 6.39 -10.37 19.16
N VAL A 113 6.68 -11.15 18.12
CA VAL A 113 6.01 -10.96 16.83
C VAL A 113 4.50 -11.20 16.99
N LEU A 114 4.14 -12.31 17.65
CA LEU A 114 2.73 -12.64 17.86
C LEU A 114 2.01 -11.59 18.71
N LYS A 115 2.71 -11.03 19.70
CA LYS A 115 2.09 -10.01 20.53
C LYS A 115 1.80 -8.75 19.71
N SER A 116 2.72 -8.41 18.81
CA SER A 116 2.52 -7.26 17.95
C SER A 116 1.36 -7.50 16.96
N MET A 117 1.27 -8.71 16.42
CA MET A 117 0.14 -9.07 15.55
C MET A 117 -1.17 -8.90 16.31
N ASP A 118 -1.19 -9.42 17.54
CA ASP A 118 -2.40 -9.36 18.37
C ASP A 118 -2.83 -7.91 18.64
N GLU A 119 -1.87 -7.08 19.05
CA GLU A 119 -2.16 -5.67 19.33
C GLU A 119 -2.62 -4.91 18.10
N THR A 120 -1.99 -5.21 16.97
CA THR A 120 -2.35 -4.53 15.72
C THR A 120 -3.74 -5.00 15.26
N ALA A 121 -3.99 -6.31 15.32
CA ALA A 121 -5.31 -6.82 14.95
C ALA A 121 -6.41 -6.21 15.79
N ARG A 122 -6.13 -6.03 17.08
CA ARG A 122 -7.12 -5.44 17.99
C ARG A 122 -7.48 -3.99 17.64
N GLU A 123 -6.58 -3.29 16.96
CA GLU A 123 -6.85 -1.90 16.54
C GLU A 123 -7.91 -1.80 15.46
N VAL A 124 -8.13 -2.90 14.73
CA VAL A 124 -8.98 -2.83 13.54
C VAL A 124 -10.49 -2.74 13.85
N PRO A 125 -11.06 -3.71 14.58
CA PRO A 125 -10.55 -4.98 15.10
C PRO A 125 -10.80 -6.09 14.07
N VAL A 126 -9.94 -7.10 14.03
CA VAL A 126 -10.12 -8.21 13.09
C VAL A 126 -9.47 -9.45 13.70
N PRO A 127 -10.15 -10.61 13.61
CA PRO A 127 -9.57 -11.81 14.23
C PRO A 127 -8.62 -12.57 13.30
N ILE A 128 -7.66 -13.28 13.89
CA ILE A 128 -6.79 -14.22 13.18
C ILE A 128 -7.36 -15.60 13.44
N VAL A 129 -7.97 -16.19 12.42
CA VAL A 129 -8.83 -17.36 12.63
C VAL A 129 -8.22 -18.70 12.23
N THR A 130 -7.13 -18.66 11.48
CA THR A 130 -6.50 -19.91 11.05
C THR A 130 -5.06 -19.57 10.67
N GLY A 131 -4.22 -20.59 10.48
CA GLY A 131 -2.84 -20.32 10.17
C GLY A 131 -2.03 -21.57 9.90
N ASP A 132 -0.72 -21.43 9.85
CA ASP A 132 0.16 -22.55 9.59
C ASP A 132 1.54 -22.18 10.07
N THR A 133 2.29 -23.16 10.56
CA THR A 133 3.66 -22.92 10.96
C THR A 133 4.57 -23.96 10.34
N LYS A 134 5.66 -23.50 9.72
CA LYS A 134 6.69 -24.37 9.20
C LYS A 134 8.02 -23.92 9.79
N VAL A 135 8.91 -24.87 10.06
CA VAL A 135 10.25 -24.53 10.53
C VAL A 135 11.24 -25.10 9.51
N VAL A 136 12.19 -24.27 9.07
CA VAL A 136 13.13 -24.70 8.05
C VAL A 136 14.57 -24.57 8.53
N GLU A 137 15.47 -25.36 7.94
CA GLU A 137 16.88 -25.29 8.30
C GLU A 137 17.52 -24.00 7.83
N ASP A 138 16.98 -23.41 6.77
CA ASP A 138 17.53 -22.18 6.20
C ASP A 138 17.62 -21.06 7.23
N LYS A 139 18.65 -20.23 7.14
CA LYS A 139 18.84 -19.15 8.11
C LYS A 139 18.06 -17.89 7.74
N ILE A 140 16.74 -17.95 7.85
CA ILE A 140 15.89 -16.86 7.37
C ILE A 140 15.34 -15.97 8.49
N GLU A 141 15.54 -16.40 9.73
CA GLU A 141 14.85 -15.84 10.90
C GLU A 141 13.33 -16.11 10.84
N MET A 142 12.58 -15.27 10.14
CA MET A 142 11.14 -15.54 9.99
C MET A 142 10.55 -14.83 8.79
N PHE A 143 9.67 -15.52 8.05
CA PHE A 143 8.81 -14.88 7.04
C PHE A 143 7.39 -15.01 7.56
N VAL A 144 6.56 -13.98 7.37
CA VAL A 144 5.16 -14.06 7.76
C VAL A 144 4.29 -13.78 6.53
N ILE A 145 3.32 -14.64 6.28
CA ILE A 145 2.46 -14.51 5.10
C ILE A 145 1.04 -14.47 5.63
N THR A 146 0.32 -13.38 5.35
CA THR A 146 -1.04 -13.27 5.83
C THR A 146 -2.01 -13.13 4.67
N ALA A 147 -3.14 -13.81 4.77
CA ALA A 147 -4.23 -13.67 3.81
C ALA A 147 -5.39 -13.02 4.53
N GLY A 148 -6.26 -12.34 3.79
CA GLY A 148 -7.36 -11.64 4.42
C GLY A 148 -8.64 -11.85 3.66
N ILE A 149 -9.75 -11.88 4.39
CA ILE A 149 -11.08 -11.87 3.80
C ILE A 149 -11.81 -10.63 4.31
N GLY A 150 -12.43 -9.90 3.41
CA GLY A 150 -13.27 -8.77 3.81
C GLY A 150 -14.60 -8.84 3.07
N ILE A 151 -15.52 -7.97 3.47
CA ILE A 151 -16.80 -7.88 2.77
C ILE A 151 -17.00 -6.45 2.28
N ALA A 152 -17.25 -6.31 0.99
CA ALA A 152 -17.47 -5.00 0.41
C ALA A 152 -18.88 -4.92 -0.16
N GLU A 153 -19.59 -3.82 0.14
CA GLU A 153 -20.88 -3.62 -0.51
C GLU A 153 -20.67 -3.13 -1.94
N HIS A 154 -19.58 -2.42 -2.14
N HIS A 154 -19.61 -2.37 -2.14
CA HIS A 154 -19.30 -1.74 -3.41
CA HIS A 154 -19.33 -1.78 -3.44
C HIS A 154 -17.80 -1.71 -3.62
C HIS A 154 -17.81 -1.69 -3.67
N PRO A 155 -17.23 -2.75 -4.26
CA PRO A 155 -15.77 -2.81 -4.46
C PRO A 155 -15.22 -1.65 -5.25
N VAL A 156 -14.03 -1.21 -4.84
CA VAL A 156 -13.35 -0.10 -5.46
C VAL A 156 -12.11 -0.62 -6.18
N SER A 157 -12.01 -0.35 -7.47
N SER A 157 -12.03 -0.29 -7.47
CA SER A 157 -10.88 -0.84 -8.23
CA SER A 157 -10.96 -0.73 -8.35
C SER A 157 -9.79 0.22 -8.30
C SER A 157 -9.79 0.24 -8.31
N ASP A 158 -8.66 -0.15 -8.90
CA ASP A 158 -7.60 0.82 -9.17
C ASP A 158 -7.74 1.36 -10.61
N ALA A 159 -8.84 0.98 -11.26
CA ALA A 159 -9.04 1.31 -12.67
C ALA A 159 -10.23 2.23 -12.92
N GLY A 160 -10.81 2.77 -11.85
CA GLY A 160 -12.04 3.53 -11.99
C GLY A 160 -11.90 5.05 -12.02
N ALA A 161 -10.68 5.56 -12.16
CA ALA A 161 -10.47 7.01 -12.13
C ALA A 161 -11.13 7.67 -13.34
N LYS A 162 -11.76 8.82 -13.12
CA LYS A 162 -12.43 9.56 -14.19
C LYS A 162 -11.86 10.98 -14.33
N VAL A 163 -11.86 11.51 -15.55
CA VAL A 163 -11.41 12.88 -15.80
C VAL A 163 -12.11 13.88 -14.88
N GLY A 164 -11.33 14.73 -14.22
CA GLY A 164 -11.89 15.72 -13.31
C GLY A 164 -11.84 15.31 -11.85
N ASP A 165 -11.65 14.02 -11.57
CA ASP A 165 -11.61 13.54 -10.19
C ASP A 165 -10.43 14.16 -9.43
N ALA A 166 -10.57 14.26 -8.12
CA ALA A 166 -9.46 14.71 -7.28
C ALA A 166 -8.65 13.52 -6.80
N VAL A 167 -7.36 13.73 -6.61
CA VAL A 167 -6.45 12.70 -6.12
C VAL A 167 -5.97 13.10 -4.72
N LEU A 168 -6.21 12.23 -3.74
CA LEU A 168 -5.84 12.49 -2.35
C LEU A 168 -4.84 11.45 -1.83
N VAL A 169 -4.03 11.84 -0.85
CA VAL A 169 -3.26 10.87 -0.07
C VAL A 169 -3.65 11.08 1.39
N SER A 170 -3.63 10.02 2.19
CA SER A 170 -4.13 10.13 3.55
C SER A 170 -3.09 10.64 4.54
N GLY A 171 -1.88 10.90 4.08
CA GLY A 171 -0.85 11.38 4.97
C GLY A 171 0.51 11.53 4.33
N THR A 172 1.53 11.68 5.18
CA THR A 172 2.88 11.89 4.69
C THR A 172 3.44 10.71 3.91
N ILE A 173 4.30 11.04 2.94
CA ILE A 173 4.74 10.07 1.95
C ILE A 173 6.21 9.73 2.14
N GLY A 174 6.50 8.44 2.15
CA GLY A 174 7.87 7.97 2.20
C GLY A 174 8.35 7.51 3.57
N ASP A 175 7.51 7.69 4.60
CA ASP A 175 7.91 7.34 5.98
C ASP A 175 8.50 5.95 6.18
N HIS A 176 7.82 4.91 5.71
CA HIS A 176 8.29 3.56 5.98
C HIS A 176 9.63 3.25 5.33
N GLY A 177 9.70 3.41 4.01
CA GLY A 177 10.92 3.10 3.28
C GLY A 177 12.10 3.92 3.80
N ILE A 178 11.87 5.21 4.03
CA ILE A 178 12.98 6.07 4.46
C ILE A 178 13.40 5.76 5.91
N ALA A 179 12.45 5.47 6.78
CA ALA A 179 12.78 5.09 8.16
C ALA A 179 13.63 3.82 8.19
N LEU A 180 13.25 2.83 7.40
CA LEU A 180 14.02 1.60 7.36
C LEU A 180 15.44 1.80 6.81
N MET A 181 15.57 2.55 5.73
CA MET A 181 16.89 2.81 5.18
C MET A 181 17.72 3.65 6.14
N SER A 182 17.08 4.60 6.80
CA SER A 182 17.79 5.47 7.75
C SER A 182 18.31 4.67 8.93
N HIS A 183 17.50 3.74 9.41
CA HIS A 183 17.90 2.86 10.51
C HIS A 183 19.10 2.01 10.12
N ARG A 184 19.06 1.44 8.92
CA ARG A 184 20.21 0.66 8.43
C ARG A 184 21.48 1.50 8.30
N GLU A 185 21.32 2.78 7.94
CA GLU A 185 22.50 3.64 7.73
C GLU A 185 22.94 4.42 8.98
N GLY A 186 22.20 4.30 10.06
CA GLY A 186 22.54 4.99 11.30
C GLY A 186 22.22 6.48 11.29
N ILE A 187 21.28 6.86 10.42
CA ILE A 187 20.79 8.24 10.37
C ILE A 187 19.65 8.40 11.36
N ALA A 188 19.72 9.42 12.21
CA ALA A 188 18.65 9.68 13.16
C ALA A 188 18.70 11.13 13.59
N PHE A 189 17.57 11.68 14.01
CA PHE A 189 17.55 13.07 14.46
C PHE A 189 17.43 13.10 15.98
N GLU A 190 16.53 13.89 16.55
CA GLU A 190 16.36 13.83 18.01
C GLU A 190 15.91 12.43 18.45
N THR A 191 15.12 11.77 17.61
CA THR A 191 14.82 10.35 17.79
C THR A 191 14.96 9.68 16.42
N GLU A 192 14.89 8.35 16.39
N GLU A 192 14.85 8.35 16.39
CA GLU A 192 14.94 7.66 15.10
CA GLU A 192 14.87 7.63 15.13
C GLU A 192 13.64 7.92 14.33
C GLU A 192 13.61 7.97 14.32
N LEU A 193 13.75 8.00 13.00
CA LEU A 193 12.57 8.13 12.13
C LEU A 193 11.73 6.88 12.30
N LYS A 194 10.42 7.04 12.46
CA LYS A 194 9.54 5.88 12.66
C LYS A 194 8.81 5.51 11.37
N SER A 195 8.66 4.21 11.13
CA SER A 195 7.78 3.74 10.07
C SER A 195 6.35 4.16 10.39
N ASP A 196 5.53 4.32 9.35
CA ASP A 196 4.13 4.68 9.55
C ASP A 196 3.20 3.44 9.59
N VAL A 197 3.79 2.24 9.62
CA VAL A 197 2.99 1.01 9.49
C VAL A 197 1.80 0.96 10.44
N ALA A 198 0.60 0.81 9.87
CA ALA A 198 -0.63 0.82 10.66
C ALA A 198 -1.79 0.42 9.77
N PRO A 199 -2.83 -0.19 10.36
CA PRO A 199 -4.04 -0.48 9.56
C PRO A 199 -4.85 0.80 9.37
N ILE A 200 -5.26 1.07 8.14
CA ILE A 200 -5.99 2.31 7.84
C ILE A 200 -7.41 2.12 7.29
N TRP A 201 -8.03 0.97 7.61
CA TRP A 201 -9.44 0.77 7.30
C TRP A 201 -10.30 1.92 7.85
N ASP A 202 -9.95 2.44 9.03
CA ASP A 202 -10.77 3.50 9.61
C ASP A 202 -10.76 4.79 8.76
N VAL A 203 -9.65 5.07 8.09
CA VAL A 203 -9.56 6.24 7.21
C VAL A 203 -10.45 6.05 5.97
N VAL A 204 -10.37 4.89 5.36
CA VAL A 204 -11.19 4.62 4.18
C VAL A 204 -12.67 4.64 4.53
N LYS A 205 -13.02 3.99 5.62
CA LYS A 205 -14.41 3.91 6.08
C LYS A 205 -14.97 5.30 6.35
N ALA A 206 -14.13 6.13 6.97
CA ALA A 206 -14.51 7.51 7.30
C ALA A 206 -14.93 8.27 6.05
N VAL A 207 -14.17 8.13 4.97
CA VAL A 207 -14.54 8.78 3.71
C VAL A 207 -15.84 8.23 3.13
N ALA A 208 -15.94 6.89 3.07
CA ALA A 208 -17.13 6.25 2.52
C ALA A 208 -18.40 6.64 3.29
N GLU A 209 -18.30 6.74 4.61
CA GLU A 209 -19.44 7.13 5.43
C GLU A 209 -19.86 8.57 5.16
N THR A 210 -18.94 9.37 4.65
CA THR A 210 -19.19 10.78 4.37
C THR A 210 -19.70 11.02 2.94
N ILE A 211 -19.05 10.42 1.95
CA ILE A 211 -19.38 10.71 0.56
C ILE A 211 -20.05 9.57 -0.21
N GLY A 212 -20.09 8.39 0.39
CA GLY A 212 -20.65 7.22 -0.29
C GLY A 212 -19.63 6.48 -1.13
N TRP A 213 -19.71 5.15 -1.15
CA TRP A 213 -18.79 4.36 -1.95
C TRP A 213 -18.79 4.75 -3.42
N GLU A 214 -19.94 5.14 -3.95
CA GLU A 214 -20.00 5.44 -5.38
C GLU A 214 -19.13 6.64 -5.78
N ASN A 215 -18.81 7.50 -4.83
CA ASN A 215 -17.97 8.67 -5.09
C ASN A 215 -16.48 8.48 -4.81
N ILE A 216 -16.11 7.29 -4.36
CA ILE A 216 -14.72 6.87 -4.33
C ILE A 216 -14.49 6.05 -5.58
N HIS A 217 -13.73 6.58 -6.54
CA HIS A 217 -13.62 5.98 -7.86
C HIS A 217 -12.44 5.05 -8.00
N ALA A 218 -11.37 5.29 -7.25
CA ALA A 218 -10.22 4.40 -7.27
C ALA A 218 -9.39 4.52 -6.00
N MET A 219 -8.74 3.43 -5.61
CA MET A 219 -7.79 3.48 -4.50
C MET A 219 -6.67 2.53 -4.78
N LYS A 220 -5.49 2.83 -4.25
N LYS A 220 -5.51 2.80 -4.21
CA LYS A 220 -4.40 1.87 -4.20
CA LYS A 220 -4.40 1.88 -4.21
C LYS A 220 -3.67 2.00 -2.88
C LYS A 220 -3.64 2.02 -2.90
N ASP A 221 -3.07 0.91 -2.44
CA ASP A 221 -2.22 0.89 -1.25
C ASP A 221 -0.79 1.09 -1.74
N PRO A 222 -0.20 2.28 -1.49
CA PRO A 222 1.10 2.62 -2.09
C PRO A 222 2.29 1.98 -1.38
N THR A 223 2.31 0.66 -1.35
CA THR A 223 3.40 -0.06 -0.73
C THR A 223 4.60 -0.12 -1.69
N ARG A 224 4.96 -1.31 -2.16
CA ARG A 224 6.18 -1.43 -3.00
C ARG A 224 6.29 -0.45 -4.18
N ALA A 225 7.44 0.21 -4.25
CA ALA A 225 7.75 1.22 -5.27
C ALA A 225 6.94 2.52 -5.14
N GLY A 226 6.20 2.64 -4.05
CA GLY A 226 5.80 3.93 -3.52
C GLY A 226 4.63 4.64 -4.16
N LEU A 227 4.49 5.91 -3.81
CA LEU A 227 3.47 6.77 -4.39
C LEU A 227 3.55 6.83 -5.91
N SER A 228 4.78 6.91 -6.42
N SER A 228 4.77 6.89 -6.43
CA SER A 228 5.01 6.97 -7.86
CA SER A 228 4.95 7.00 -7.88
C SER A 228 4.41 5.76 -8.58
C SER A 228 4.45 5.75 -8.63
N ASN A 229 4.72 4.57 -8.07
CA ASN A 229 4.17 3.35 -8.66
C ASN A 229 2.63 3.35 -8.61
N ALA A 230 2.06 3.76 -7.48
CA ALA A 230 0.62 3.71 -7.30
C ALA A 230 -0.12 4.65 -8.26
N LEU A 231 0.38 5.88 -8.40
CA LEU A 231 -0.24 6.85 -9.30
C LEU A 231 -0.12 6.41 -10.75
N ASN A 232 1.05 5.88 -11.11
CA ASN A 232 1.24 5.36 -12.46
C ASN A 232 0.32 4.19 -12.78
N GLU A 233 0.08 3.33 -11.80
CA GLU A 233 -0.81 2.20 -12.02
C GLU A 233 -2.27 2.64 -12.17
N ILE A 234 -2.69 3.58 -11.35
CA ILE A 234 -4.04 4.11 -11.49
C ILE A 234 -4.21 4.80 -12.85
N ALA A 235 -3.22 5.60 -13.25
CA ALA A 235 -3.29 6.29 -14.54
C ALA A 235 -3.39 5.29 -15.70
N ARG A 236 -2.51 4.30 -15.68
N ARG A 236 -2.48 4.31 -15.71
CA ARG A 236 -2.44 3.28 -16.74
CA ARG A 236 -2.48 3.29 -16.76
C ARG A 236 -3.69 2.40 -16.82
C ARG A 236 -3.79 2.52 -16.80
N LYS A 237 -4.16 1.95 -15.67
CA LYS A 237 -5.33 1.07 -15.63
C LYS A 237 -6.64 1.79 -15.87
N SER A 238 -6.70 3.07 -15.50
CA SER A 238 -7.88 3.88 -15.72
C SER A 238 -7.85 4.56 -17.09
N ASN A 239 -6.70 4.49 -17.75
CA ASN A 239 -6.48 5.15 -19.04
C ASN A 239 -6.75 6.66 -18.95
N VAL A 240 -6.12 7.28 -17.96
CA VAL A 240 -6.24 8.72 -17.77
C VAL A 240 -4.88 9.29 -17.46
N GLY A 241 -4.78 10.61 -17.47
CA GLY A 241 -3.59 11.27 -17.00
C GLY A 241 -3.81 11.70 -15.57
N ILE A 242 -2.75 11.82 -14.81
CA ILE A 242 -2.85 12.38 -13.46
C ILE A 242 -1.86 13.53 -13.33
N LEU A 243 -2.35 14.67 -12.87
CA LEU A 243 -1.53 15.84 -12.67
C LEU A 243 -1.45 16.13 -11.18
N VAL A 244 -0.24 16.04 -10.63
CA VAL A 244 -0.05 16.32 -9.22
C VAL A 244 0.87 17.51 -8.97
N ARG A 245 0.54 18.28 -7.94
CA ARG A 245 1.33 19.44 -7.56
C ARG A 245 2.31 19.02 -6.48
N GLU A 246 3.60 19.06 -6.82
CA GLU A 246 4.64 18.58 -5.92
C GLU A 246 4.57 19.24 -4.55
N ALA A 247 4.28 20.54 -4.53
CA ALA A 247 4.24 21.29 -3.28
C ALA A 247 3.17 20.80 -2.33
N ASP A 248 2.13 20.17 -2.87
CA ASP A 248 0.99 19.72 -2.07
C ASP A 248 1.16 18.30 -1.51
N ILE A 249 2.18 17.57 -1.96
CA ILE A 249 2.41 16.23 -1.43
C ILE A 249 3.07 16.33 -0.06
N PRO A 250 2.39 15.86 0.99
CA PRO A 250 2.94 16.00 2.34
C PRO A 250 4.16 15.11 2.55
N ILE A 251 5.27 15.70 2.97
CA ILE A 251 6.44 14.94 3.32
C ILE A 251 6.92 15.44 4.67
N ARG A 252 7.17 14.51 5.58
CA ARG A 252 7.68 14.82 6.91
C ARG A 252 9.06 15.49 6.77
N PRO A 253 9.29 16.61 7.50
CA PRO A 253 10.56 17.32 7.33
C PRO A 253 11.79 16.41 7.51
N GLU A 254 11.73 15.51 8.48
CA GLU A 254 12.84 14.61 8.74
C GLU A 254 13.01 13.58 7.62
N VAL A 255 11.89 13.16 7.02
CA VAL A 255 11.94 12.22 5.91
C VAL A 255 12.56 12.90 4.69
N ARG A 256 12.20 14.15 4.48
CA ARG A 256 12.79 14.92 3.38
C ARG A 256 14.31 15.00 3.58
N ALA A 257 14.74 15.37 4.79
CA ALA A 257 16.17 15.49 5.07
C ALA A 257 16.91 14.16 4.89
N ALA A 258 16.37 13.08 5.46
CA ALA A 258 17.02 11.78 5.35
C ALA A 258 17.07 11.27 3.91
N SER A 259 16.00 11.51 3.14
CA SER A 259 15.98 11.05 1.76
C SER A 259 17.08 11.75 0.95
N GLU A 260 17.33 13.02 1.24
CA GLU A 260 18.41 13.75 0.59
C GLU A 260 19.75 13.12 0.91
N MET A 261 19.96 12.81 2.19
CA MET A 261 21.20 12.18 2.62
C MET A 261 21.41 10.82 1.98
N LEU A 262 20.30 10.11 1.77
CA LEU A 262 20.35 8.77 1.21
C LEU A 262 20.39 8.76 -0.31
N GLY A 263 20.02 9.89 -0.93
CA GLY A 263 19.94 9.98 -2.37
C GLY A 263 18.81 9.15 -2.97
N ILE A 264 17.66 9.12 -2.28
CA ILE A 264 16.51 8.34 -2.72
C ILE A 264 15.28 9.21 -2.65
N SER A 265 14.37 9.09 -3.61
CA SER A 265 13.14 9.88 -3.58
C SER A 265 12.12 9.25 -2.64
N PRO A 266 11.52 10.07 -1.76
CA PRO A 266 10.43 9.58 -0.91
C PRO A 266 9.21 9.12 -1.72
N TYR A 267 9.09 9.52 -2.98
CA TYR A 267 7.95 9.09 -3.81
C TYR A 267 8.11 7.66 -4.28
N ASP A 268 9.31 7.11 -4.16
CA ASP A 268 9.64 5.82 -4.78
C ASP A 268 9.72 4.67 -3.80
N VAL A 269 9.49 4.92 -2.52
CA VAL A 269 9.69 3.86 -1.53
C VAL A 269 8.38 3.49 -0.86
N ALA A 270 8.33 2.31 -0.24
CA ALA A 270 7.10 1.82 0.36
C ALA A 270 6.55 2.72 1.46
N ASN A 271 5.22 2.84 1.47
CA ASN A 271 4.46 3.38 2.59
C ASN A 271 3.69 2.21 3.18
N GLU A 272 3.51 2.20 4.50
CA GLU A 272 2.77 1.09 5.11
C GLU A 272 1.59 1.51 5.99
N GLY A 273 1.23 2.80 5.94
CA GLY A 273 0.06 3.26 6.65
C GLY A 273 -0.69 4.34 5.91
N LYS A 274 -0.73 4.22 4.57
CA LYS A 274 -1.30 5.28 3.72
C LYS A 274 -2.23 4.72 2.65
N VAL A 275 -3.14 5.55 2.19
CA VAL A 275 -3.97 5.22 1.02
C VAL A 275 -3.91 6.37 0.02
N VAL A 276 -3.88 6.01 -1.26
CA VAL A 276 -4.09 6.94 -2.37
C VAL A 276 -5.52 6.77 -2.82
N MET A 277 -6.27 7.87 -2.90
CA MET A 277 -7.69 7.80 -3.17
C MET A 277 -8.08 8.81 -4.24
N VAL A 278 -8.95 8.38 -5.17
CA VAL A 278 -9.41 9.22 -6.25
C VAL A 278 -10.92 9.35 -6.08
N VAL A 279 -11.41 10.57 -5.91
CA VAL A 279 -12.82 10.79 -5.60
C VAL A 279 -13.47 11.80 -6.55
N ALA A 280 -14.80 11.72 -6.65
CA ALA A 280 -15.56 12.65 -7.47
C ALA A 280 -15.25 14.09 -7.08
N ARG A 281 -14.95 14.91 -8.08
CA ARG A 281 -14.55 16.31 -7.92
C ARG A 281 -15.38 17.06 -6.87
N GLU A 282 -16.69 16.89 -6.95
CA GLU A 282 -17.60 17.64 -6.10
C GLU A 282 -17.55 17.20 -4.62
N TYR A 283 -16.93 16.06 -4.34
CA TYR A 283 -16.83 15.55 -2.97
C TYR A 283 -15.41 15.57 -2.41
N ALA A 284 -14.50 16.23 -3.11
CA ALA A 284 -13.09 16.19 -2.73
C ALA A 284 -12.85 16.85 -1.37
N GLU A 285 -13.49 17.98 -1.14
CA GLU A 285 -13.33 18.65 0.14
C GLU A 285 -13.98 17.89 1.29
N GLU A 286 -15.13 17.24 1.03
CA GLU A 286 -15.75 16.41 2.06
C GLU A 286 -14.88 15.20 2.38
N ALA A 287 -14.30 14.60 1.35
CA ALA A 287 -13.40 13.46 1.53
C ALA A 287 -12.18 13.84 2.35
N LEU A 288 -11.59 14.99 2.03
CA LEU A 288 -10.41 15.46 2.76
C LEU A 288 -10.71 15.73 4.22
N GLU A 289 -11.83 16.38 4.48
CA GLU A 289 -12.23 16.67 5.86
C GLU A 289 -12.48 15.39 6.65
N ALA A 290 -13.09 14.40 6.00
CA ALA A 290 -13.36 13.12 6.67
C ALA A 290 -12.04 12.46 7.08
N MET A 291 -11.06 12.47 6.18
CA MET A 291 -9.76 11.89 6.51
C MET A 291 -9.09 12.62 7.66
N ARG A 292 -9.06 13.95 7.58
CA ARG A 292 -8.30 14.75 8.56
C ARG A 292 -8.93 14.71 9.95
N LYS A 293 -10.18 14.29 10.01
CA LYS A 293 -10.87 14.09 11.29
C LYS A 293 -10.36 12.85 12.03
N THR A 294 -9.77 11.90 11.29
CA THR A 294 -9.21 10.72 11.93
C THR A 294 -7.77 10.94 12.34
N GLU A 295 -7.28 10.13 13.27
CA GLU A 295 -5.90 10.24 13.72
C GLU A 295 -4.93 9.82 12.62
N LYS A 296 -5.23 8.73 11.94
CA LYS A 296 -4.29 8.20 10.95
C LYS A 296 -4.32 8.98 9.64
N GLY A 297 -5.38 9.76 9.44
CA GLY A 297 -5.51 10.59 8.24
C GLY A 297 -5.31 12.07 8.53
N ARG A 298 -4.75 12.38 9.71
CA ARG A 298 -4.62 13.77 10.16
C ARG A 298 -3.88 14.71 9.21
N ASN A 299 -2.94 14.13 8.46
CA ASN A 299 -2.11 14.88 7.53
C ASN A 299 -2.52 14.72 6.07
N ALA A 300 -3.76 14.27 5.84
CA ALA A 300 -4.22 14.03 4.47
C ALA A 300 -4.19 15.30 3.62
N ALA A 301 -4.04 15.12 2.32
CA ALA A 301 -4.03 16.26 1.39
C ALA A 301 -4.60 15.89 0.03
N ILE A 302 -5.21 16.87 -0.63
CA ILE A 302 -5.54 16.75 -2.05
C ILE A 302 -4.29 17.13 -2.80
N ILE A 303 -3.78 16.23 -3.64
CA ILE A 303 -2.47 16.45 -4.24
C ILE A 303 -2.54 16.62 -5.75
N GLY A 304 -3.70 16.35 -6.34
CA GLY A 304 -3.78 16.40 -7.78
C GLY A 304 -5.17 16.21 -8.34
N GLU A 305 -5.23 16.03 -9.65
CA GLU A 305 -6.48 15.84 -10.33
C GLU A 305 -6.25 14.98 -11.57
N VAL A 306 -7.33 14.33 -12.00
CA VAL A 306 -7.25 13.43 -13.13
C VAL A 306 -7.55 14.24 -14.38
N ILE A 307 -6.73 14.06 -15.41
CA ILE A 307 -6.90 14.82 -16.64
C ILE A 307 -7.10 13.92 -17.85
N ALA A 308 -7.59 14.51 -18.94
CA ALA A 308 -7.95 13.75 -20.14
C ALA A 308 -6.76 13.42 -21.04
N ASP A 309 -5.75 14.28 -21.05
CA ASP A 309 -4.56 13.99 -21.85
C ASP A 309 -3.45 13.33 -21.04
N TYR A 310 -2.35 13.01 -21.71
CA TYR A 310 -1.27 12.23 -21.13
C TYR A 310 -1.80 10.94 -20.48
N ARG A 311 -2.69 10.26 -21.18
CA ARG A 311 -3.28 9.03 -20.67
C ARG A 311 -2.21 8.00 -20.32
N GLY A 312 -2.34 7.42 -19.13
CA GLY A 312 -1.41 6.42 -18.66
C GLY A 312 -0.16 7.02 -18.05
N LYS A 313 -0.15 8.35 -17.88
CA LYS A 313 1.04 9.04 -17.37
C LYS A 313 0.71 9.91 -16.17
N VAL A 314 1.75 10.24 -15.40
CA VAL A 314 1.62 11.09 -14.24
C VAL A 314 2.55 12.29 -14.41
N LEU A 315 2.00 13.49 -14.25
CA LEU A 315 2.76 14.72 -14.36
C LEU A 315 2.93 15.35 -12.99
N LEU A 316 4.13 15.87 -12.74
CA LEU A 316 4.42 16.59 -11.51
C LEU A 316 4.55 18.08 -11.84
N GLU A 317 3.74 18.92 -11.20
CA GLU A 317 3.80 20.36 -11.42
C GLU A 317 4.60 21.05 -10.31
N THR A 318 5.54 21.89 -10.72
CA THR A 318 6.40 22.61 -9.78
C THR A 318 6.44 24.08 -10.10
N GLY A 319 7.10 24.86 -9.23
CA GLY A 319 7.28 26.28 -9.43
C GLY A 319 5.95 27.00 -9.59
N ILE A 320 5.77 27.65 -10.74
CA ILE A 320 4.57 28.43 -10.99
C ILE A 320 3.73 27.77 -12.10
N GLY A 321 4.06 26.54 -12.44
CA GLY A 321 3.29 25.82 -13.44
C GLY A 321 4.04 24.81 -14.29
N GLY A 322 5.38 24.82 -14.21
CA GLY A 322 6.20 23.86 -14.95
C GLY A 322 5.85 22.42 -14.62
N LYS A 323 6.06 21.52 -15.59
CA LYS A 323 5.65 20.11 -15.44
C LYS A 323 6.70 19.14 -15.98
N ARG A 324 6.81 17.99 -15.32
CA ARG A 324 7.63 16.88 -15.80
C ARG A 324 6.93 15.57 -15.44
N PHE A 325 7.41 14.46 -15.98
CA PHE A 325 6.80 13.17 -15.67
C PHE A 325 7.30 12.64 -14.32
N MET A 326 6.39 12.07 -13.53
CA MET A 326 6.76 11.28 -12.36
C MET A 326 6.88 9.83 -12.84
N GLU A 327 8.11 9.37 -13.06
CA GLU A 327 8.32 8.09 -13.73
C GLU A 327 8.10 6.89 -12.81
N PRO A 328 7.46 5.83 -13.34
CA PRO A 328 7.27 4.62 -12.54
C PRO A 328 8.62 3.95 -12.27
N PRO A 329 8.92 3.68 -10.99
CA PRO A 329 10.20 3.07 -10.64
C PRO A 329 10.37 1.68 -11.24
N GLU A 330 11.61 1.30 -11.53
CA GLU A 330 11.90 -0.04 -12.03
C GLU A 330 11.69 -1.06 -10.91
N GLY A 331 11.77 -0.57 -9.68
CA GLY A 331 11.53 -1.37 -8.49
C GLY A 331 11.72 -0.48 -7.28
N ASP A 332 11.35 -0.97 -6.10
CA ASP A 332 11.61 -0.23 -4.87
C ASP A 332 13.13 -0.22 -4.65
N PRO A 333 13.71 0.97 -4.45
CA PRO A 333 15.17 1.08 -4.29
C PRO A 333 15.67 0.63 -2.90
N VAL A 334 14.75 0.12 -2.09
CA VAL A 334 15.07 -0.38 -0.74
C VAL A 334 14.96 -1.90 -0.68
N PRO A 335 16.10 -2.58 -0.49
CA PRO A 335 16.08 -4.05 -0.39
C PRO A 335 15.43 -4.54 0.91
N ARG A 336 14.62 -5.59 0.83
CA ARG A 336 13.99 -6.21 2.01
C ARG A 336 13.21 -5.21 2.84
N ILE A 337 12.40 -4.39 2.17
CA ILE A 337 11.69 -3.27 2.79
C ILE A 337 10.38 -3.73 3.42
N CYS A 338 9.80 -4.80 2.87
CA CYS A 338 8.56 -5.34 3.42
C CYS A 338 8.51 -6.85 3.27
C1 BEN B . 15.09 18.12 11.63
C2 BEN B . 13.90 18.51 11.03
C3 BEN B . 13.91 18.95 9.71
C4 BEN B . 15.10 19.01 8.99
C5 BEN B . 16.29 18.63 9.60
C6 BEN B . 16.28 18.19 10.92
C BEN B . 15.10 17.69 12.97
N1 BEN B . 14.04 17.11 13.52
N2 BEN B . 16.20 17.81 13.71
C1 BEN C . -20.06 -19.53 -5.42
C2 BEN C . -19.21 -18.43 -5.42
C3 BEN C . -19.61 -17.30 -4.69
C4 BEN C . -20.86 -17.31 -4.06
C5 BEN C . -21.69 -18.44 -4.09
C6 BEN C . -21.27 -19.56 -4.78
C BEN C . -19.69 -20.65 -6.10
N1 BEN C . -19.01 -20.56 -7.25
N2 BEN C . -20.05 -21.86 -5.63
P AMP D . 1.54 -7.18 -5.10
O1P AMP D . 3.03 -6.95 -5.23
O2P AMP D . 0.71 -5.92 -5.12
O3P AMP D . 1.16 -8.18 -4.04
O5' AMP D . 1.16 -7.91 -6.47
C5' AMP D . 0.67 -7.16 -7.59
C4' AMP D . -0.44 -7.90 -8.29
O4' AMP D . 0.08 -9.14 -8.82
C3' AMP D . -1.63 -8.28 -7.39
O3' AMP D . -2.83 -8.20 -8.15
C2' AMP D . -1.34 -9.73 -7.03
O2' AMP D . -2.52 -10.48 -6.78
C1' AMP D . -0.60 -10.26 -8.26
N9 AMP D . 0.42 -11.27 -7.96
C8 AMP D . 1.66 -10.96 -7.51
N7 AMP D . 2.42 -12.08 -7.32
C5 AMP D . 1.66 -13.14 -7.66
C6 AMP D . 1.85 -14.60 -7.71
N6 AMP D . 3.02 -15.17 -7.33
N1 AMP D . 0.81 -15.35 -8.13
C2 AMP D . -0.35 -14.80 -8.50
N3 AMP D . -0.59 -13.47 -8.49
C4 AMP D . 0.36 -12.60 -8.09
S SO4 E . 8.80 1.91 18.46
O1 SO4 E . 7.68 1.08 18.01
O2 SO4 E . 8.94 1.78 19.90
O3 SO4 E . 10.02 1.47 17.80
O4 SO4 E . 8.53 3.31 18.12
S SO4 F . 2.66 14.57 13.38
O1 SO4 F . 1.98 13.43 13.95
O2 SO4 F . 3.86 14.89 14.16
O3 SO4 F . 3.06 14.27 12.02
O4 SO4 F . 1.79 15.73 13.36
S SO4 G . -2.53 11.57 -25.02
O1 SO4 G . -1.33 10.76 -25.25
O2 SO4 G . -3.30 11.69 -26.25
O3 SO4 G . -3.36 10.92 -24.00
O4 SO4 G . -2.12 12.90 -24.57
S SO4 H . -7.51 20.83 9.84
O1 SO4 H . -8.05 20.01 8.77
O2 SO4 H . -6.69 20.00 10.73
O3 SO4 H . -6.69 21.91 9.28
O4 SO4 H . -8.61 21.42 10.61
S SO4 I . -8.73 -3.23 23.04
O1 SO4 I . -9.75 -4.31 23.06
O2 SO4 I . -7.83 -3.29 24.21
O3 SO4 I . -7.90 -3.39 21.84
O4 SO4 I . -9.44 -1.95 22.99
C1 PGE J . -21.61 3.65 3.28
O1 PGE J . -22.81 3.57 4.04
C2 PGE J . -20.43 3.47 4.23
O2 PGE J . -20.19 2.10 4.45
C3 PGE J . -19.11 1.88 5.35
C4 PGE J . -18.92 0.40 5.60
O4 PGE J . -18.98 -2.08 2.34
C6 PGE J . -17.81 -2.15 3.15
C5 PGE J . -18.13 -1.57 4.52
O3 PGE J . -18.57 -0.23 4.38
C1 GOL K . -9.82 -9.20 -15.36
O1 GOL K . -9.61 -7.81 -15.33
C2 GOL K . -10.15 -9.68 -13.95
O2 GOL K . -10.87 -8.66 -13.34
C3 GOL K . -11.10 -10.86 -14.04
O3 GOL K . -10.80 -11.63 -15.19
C1 PEG L . 15.27 12.88 -2.15
O1 PEG L . 15.85 12.87 -3.40
C2 PEG L . 14.90 14.29 -1.78
O2 PEG L . 13.55 14.37 -1.45
C3 PEG L . 13.03 15.60 -0.92
C4 PEG L . 11.53 15.69 -1.20
O4 PEG L . 11.31 15.39 -2.54
MG MG M . -1.81 -3.55 -2.57
#